data_9GAU
#
_entry.id   9GAU
#
_cell.length_a   90.461
_cell.length_b   44.687
_cell.length_c   47.602
_cell.angle_alpha   90.000
_cell.angle_beta   98.760
_cell.angle_gamma   90.000
#
_symmetry.space_group_name_H-M   'C 1 2 1'
#
loop_
_entity.id
_entity.type
_entity.pdbx_description
1 polymer DARPin
2 polymer 'Ubiquitin-like protein SMT3'
3 water water
#
loop_
_entity_poly.entity_id
_entity_poly.type
_entity_poly.pdbx_seq_one_letter_code
_entity_poly.pdbx_strand_id
1 'polypeptide(L)'
;SDLGKKLLEAARAGQDDEVRILMANGADVNAQDTQGRTPLHLAAQRGHLEIVEVLLKAGADVNAHDQYGWTPLHLAAHAN
GHLEIVEVLLKHGADVNAQDWIGVTPFDLAVDDGNEDIAEVLQ
;
A
2 'polypeptide(L)' ETHINLKVSDGSSEIFFKIKKTTPLRRLMEAFAKRQGKEMDSLRFLYDGIRIQADQTPEDLDMEDNDIIEAHREQI B
#
# COMPACT_ATOMS: atom_id res chain seq x y z
N SER A 1 19.18 -5.17 -15.31
CA SER A 1 18.81 -6.44 -15.92
C SER A 1 17.52 -6.98 -15.33
N ASP A 2 17.55 -8.22 -14.84
CA ASP A 2 16.36 -8.90 -14.37
C ASP A 2 16.50 -9.46 -12.96
N LEU A 3 17.61 -9.17 -12.27
CA LEU A 3 17.82 -9.70 -10.92
C LEU A 3 16.73 -9.23 -9.96
N GLY A 4 16.30 -7.97 -10.09
CA GLY A 4 15.22 -7.50 -9.26
C GLY A 4 13.91 -8.25 -9.50
N LYS A 5 13.63 -8.59 -10.76
CA LYS A 5 12.43 -9.35 -11.07
C LYS A 5 12.47 -10.73 -10.43
N LYS A 6 13.61 -11.41 -10.52
CA LYS A 6 13.75 -12.71 -9.87
C LYS A 6 13.64 -12.60 -8.36
N LEU A 7 14.22 -11.54 -7.78
CA LEU A 7 14.12 -11.36 -6.33
C LEU A 7 12.68 -11.15 -5.89
N LEU A 8 11.93 -10.33 -6.65
CA LEU A 8 10.52 -10.13 -6.34
C LEU A 8 9.73 -11.43 -6.51
N GLU A 9 10.04 -12.19 -7.56
CA GLU A 9 9.36 -13.46 -7.78
C GLU A 9 9.62 -14.44 -6.65
N ALA A 10 10.87 -14.51 -6.18
CA ALA A 10 11.22 -15.42 -5.09
C ALA A 10 10.57 -14.97 -3.78
N ALA A 11 10.54 -13.65 -3.52
CA ALA A 11 9.86 -13.16 -2.34
C ALA A 11 8.38 -13.48 -2.37
N ARG A 12 7.76 -13.39 -3.55
CA ARG A 12 6.38 -13.83 -3.72
C ARG A 12 6.25 -15.32 -3.43
N ALA A 13 7.15 -16.13 -3.97
CA ALA A 13 7.02 -17.58 -3.95
C ALA A 13 7.56 -18.22 -2.68
N GLY A 14 8.27 -17.48 -1.83
CA GLY A 14 8.80 -18.05 -0.61
C GLY A 14 9.97 -18.99 -0.77
N GLN A 15 10.93 -18.65 -1.64
CA GLN A 15 12.19 -19.38 -1.75
C GLN A 15 13.26 -18.60 -1.01
N ASP A 16 13.62 -19.07 0.19
CA ASP A 16 14.66 -18.39 0.96
C ASP A 16 16.03 -18.62 0.33
N ASP A 17 16.31 -19.84 -0.14
CA ASP A 17 17.60 -20.13 -0.76
C ASP A 17 17.80 -19.31 -2.02
N GLU A 18 16.78 -19.22 -2.87
CA GLU A 18 16.87 -18.40 -4.08
C GLU A 18 17.02 -16.92 -3.74
N VAL A 19 16.34 -16.45 -2.69
CA VAL A 19 16.49 -15.06 -2.26
C VAL A 19 17.93 -14.79 -1.85
N ARG A 20 18.51 -15.69 -1.05
CA ARG A 20 19.89 -15.50 -0.62
C ARG A 20 20.85 -15.55 -1.80
N ILE A 21 20.63 -16.47 -2.74
CA ILE A 21 21.48 -16.57 -3.92
C ILE A 21 21.41 -15.29 -4.74
N LEU A 22 20.19 -14.77 -4.95
CA LEU A 22 20.02 -13.57 -5.75
C LEU A 22 20.64 -12.36 -5.08
N MET A 23 20.50 -12.24 -3.75
CA MET A 23 21.16 -11.15 -3.05
C MET A 23 22.68 -11.25 -3.15
N ALA A 24 23.21 -12.48 -3.01
CA ALA A 24 24.65 -12.67 -3.13
C ALA A 24 25.14 -12.33 -4.53
N ASN A 25 24.28 -12.52 -5.55
CA ASN A 25 24.64 -12.17 -6.91
C ASN A 25 24.41 -10.71 -7.24
N GLY A 26 23.83 -9.95 -6.33
CA GLY A 26 23.65 -8.52 -6.52
C GLY A 26 22.27 -8.06 -6.93
N ALA A 27 21.22 -8.77 -6.52
CA ALA A 27 19.87 -8.34 -6.83
C ALA A 27 19.53 -7.06 -6.07
N ASP A 28 18.75 -6.18 -6.70
CA ASP A 28 18.34 -4.94 -6.07
C ASP A 28 17.39 -5.24 -4.92
N VAL A 29 17.88 -5.05 -3.68
CA VAL A 29 17.06 -5.33 -2.50
C VAL A 29 15.85 -4.42 -2.43
N ASN A 30 15.90 -3.25 -3.06
CA ASN A 30 14.78 -2.32 -3.09
C ASN A 30 14.13 -2.24 -4.47
N ALA A 31 14.26 -3.28 -5.29
CA ALA A 31 13.58 -3.30 -6.57
C ALA A 31 12.07 -3.36 -6.35
N GLN A 32 11.33 -2.64 -7.19
CA GLN A 32 9.88 -2.54 -7.06
C GLN A 32 9.20 -3.07 -8.31
N ASP A 33 8.04 -3.69 -8.12
CA ASP A 33 7.24 -4.21 -9.22
C ASP A 33 6.36 -3.09 -9.78
N THR A 34 5.40 -3.46 -10.63
CA THR A 34 4.56 -2.46 -11.28
C THR A 34 3.68 -1.71 -10.29
N GLN A 35 3.31 -2.36 -9.19
CA GLN A 35 2.53 -1.71 -8.14
C GLN A 35 3.40 -0.99 -7.12
N GLY A 36 4.71 -0.98 -7.30
CA GLY A 36 5.60 -0.32 -6.36
C GLY A 36 5.97 -1.14 -5.16
N ARG A 37 5.65 -2.43 -5.15
CA ARG A 37 5.93 -3.28 -4.00
C ARG A 37 7.36 -3.80 -4.05
N THR A 38 8.08 -3.61 -2.95
CA THR A 38 9.42 -4.15 -2.79
C THR A 38 9.34 -5.64 -2.44
N PRO A 39 10.46 -6.37 -2.54
CA PRO A 39 10.43 -7.76 -2.04
C PRO A 39 10.06 -7.85 -0.58
N LEU A 40 10.41 -6.83 0.22
CA LEU A 40 9.94 -6.77 1.60
C LEU A 40 8.43 -6.68 1.66
N HIS A 41 7.82 -5.86 0.79
CA HIS A 41 6.37 -5.75 0.76
C HIS A 41 5.72 -7.10 0.52
N LEU A 42 6.14 -7.81 -0.54
CA LEU A 42 5.55 -9.08 -0.88
C LEU A 42 5.81 -10.13 0.19
N ALA A 43 7.03 -10.14 0.74
CA ALA A 43 7.35 -11.11 1.78
C ALA A 43 6.51 -10.91 3.03
N ALA A 44 6.33 -9.65 3.45
CA ALA A 44 5.47 -9.38 4.60
C ALA A 44 4.02 -9.71 4.30
N GLN A 45 3.58 -9.48 3.06
CA GLN A 45 2.20 -9.77 2.69
C GLN A 45 1.88 -11.26 2.78
N ARG A 46 2.82 -12.10 2.34
CA ARG A 46 2.59 -13.54 2.25
C ARG A 46 3.07 -14.31 3.48
N GLY A 47 3.48 -13.61 4.52
CA GLY A 47 3.92 -14.28 5.74
C GLY A 47 5.20 -15.07 5.60
N HIS A 48 6.20 -14.52 4.91
CA HIS A 48 7.49 -15.18 4.72
C HIS A 48 8.47 -14.54 5.70
N LEU A 49 8.59 -15.16 6.88
CA LEU A 49 9.32 -14.56 7.98
C LEU A 49 10.81 -14.48 7.68
N GLU A 50 11.39 -15.59 7.20
CA GLU A 50 12.83 -15.64 6.97
C GLU A 50 13.24 -14.73 5.82
N ILE A 51 12.42 -14.65 4.77
CA ILE A 51 12.72 -13.73 3.67
C ILE A 51 12.67 -12.28 4.15
N VAL A 52 11.68 -11.96 4.99
CA VAL A 52 11.61 -10.63 5.59
C VAL A 52 12.89 -10.33 6.36
N GLU A 53 13.31 -11.28 7.22
CA GLU A 53 14.53 -11.08 8.00
C GLU A 53 15.73 -10.84 7.10
N VAL A 54 15.93 -11.72 6.12
CA VAL A 54 17.15 -11.67 5.31
C VAL A 54 17.15 -10.43 4.42
N LEU A 55 15.98 -9.96 3.97
CA LEU A 55 15.93 -8.71 3.23
C LEU A 55 16.29 -7.54 4.12
N LEU A 56 15.74 -7.51 5.34
CA LEU A 56 16.09 -6.43 6.27
C LEU A 56 17.58 -6.43 6.58
N LYS A 57 18.17 -7.63 6.69
CA LYS A 57 19.59 -7.73 6.98
C LYS A 57 20.45 -7.36 5.78
N ALA A 58 19.89 -7.40 4.57
CA ALA A 58 20.61 -7.00 3.37
C ALA A 58 20.47 -5.53 3.05
N GLY A 59 19.79 -4.76 3.91
CA GLY A 59 19.61 -3.35 3.70
C GLY A 59 18.31 -2.92 3.06
N ALA A 60 17.29 -3.78 3.06
CA ALA A 60 16.01 -3.41 2.46
C ALA A 60 15.39 -2.24 3.22
N ASP A 61 14.81 -1.31 2.46
CA ASP A 61 14.17 -0.14 3.05
C ASP A 61 12.90 -0.57 3.77
N VAL A 62 12.95 -0.57 5.10
CA VAL A 62 11.79 -1.00 5.89
C VAL A 62 10.64 -0.01 5.74
N ASN A 63 10.93 1.27 5.55
CA ASN A 63 9.91 2.31 5.45
C ASN A 63 9.50 2.60 4.01
N ALA A 64 9.95 1.80 3.05
CA ALA A 64 9.56 1.99 1.66
C ALA A 64 8.05 1.79 1.50
N HIS A 65 7.45 2.61 0.65
CA HIS A 65 6.00 2.56 0.41
C HIS A 65 5.73 2.26 -1.05
N ASP A 66 4.63 1.55 -1.29
CA ASP A 66 4.21 1.23 -2.65
C ASP A 66 3.47 2.42 -3.25
N GLN A 67 2.81 2.20 -4.39
CA GLN A 67 2.06 3.27 -5.04
C GLN A 67 0.84 3.70 -4.24
N TYR A 68 0.34 2.85 -3.35
CA TYR A 68 -0.78 3.18 -2.48
C TYR A 68 -0.32 3.82 -1.17
N GLY A 69 0.97 4.09 -1.02
CA GLY A 69 1.48 4.60 0.23
C GLY A 69 1.60 3.56 1.32
N TRP A 70 1.56 2.28 0.98
CA TRP A 70 1.56 1.21 1.96
C TRP A 70 2.98 0.69 2.16
N THR A 71 3.46 0.76 3.39
CA THR A 71 4.74 0.18 3.78
C THR A 71 4.57 -1.32 4.01
N PRO A 72 5.68 -2.06 4.12
CA PRO A 72 5.54 -3.49 4.49
C PRO A 72 4.86 -3.69 5.82
N LEU A 73 4.95 -2.72 6.73
CA LEU A 73 4.18 -2.79 7.98
C LEU A 73 2.69 -2.78 7.71
N HIS A 74 2.25 -1.92 6.79
CA HIS A 74 0.84 -1.88 6.38
C HIS A 74 0.40 -3.25 5.88
N LEU A 75 1.17 -3.83 4.98
CA LEU A 75 0.78 -5.11 4.37
C LEU A 75 0.82 -6.25 5.37
N ALA A 76 1.77 -6.22 6.31
CA ALA A 76 1.85 -7.27 7.32
C ALA A 76 0.72 -7.16 8.34
N ALA A 77 0.29 -5.95 8.68
CA ALA A 77 -0.83 -5.81 9.60
C ALA A 77 -2.16 -6.18 8.95
N HIS A 78 -2.25 -6.08 7.62
CA HIS A 78 -3.48 -6.36 6.92
C HIS A 78 -3.66 -7.86 6.71
N ALA A 79 -4.93 -8.27 6.59
CA ALA A 79 -5.30 -9.64 6.23
C ALA A 79 -4.80 -10.68 7.22
N ASN A 80 -3.76 -11.43 6.81
CA ASN A 80 -3.40 -12.66 7.51
C ASN A 80 -2.94 -12.40 8.94
N GLY A 81 -1.84 -11.65 9.10
CA GLY A 81 -1.28 -11.47 10.42
C GLY A 81 0.20 -11.76 10.53
N HIS A 82 0.56 -12.85 11.22
CA HIS A 82 1.96 -13.22 11.49
C HIS A 82 2.66 -12.12 12.29
N LEU A 83 2.19 -11.98 13.54
CA LEU A 83 2.71 -10.99 14.48
C LEU A 83 4.23 -11.00 14.57
N GLU A 84 4.88 -12.14 14.31
CA GLU A 84 6.33 -12.17 14.32
C GLU A 84 6.92 -11.24 13.26
N ILE A 85 6.28 -11.17 12.09
CA ILE A 85 6.81 -10.35 11.01
C ILE A 85 6.70 -8.87 11.34
N VAL A 86 5.57 -8.45 11.90
CA VAL A 86 5.46 -7.03 12.29
C VAL A 86 6.45 -6.74 13.42
N GLU A 87 6.68 -7.69 14.33
CA GLU A 87 7.68 -7.45 15.37
C GLU A 87 9.07 -7.26 14.78
N VAL A 88 9.45 -8.12 13.83
CA VAL A 88 10.78 -7.99 13.22
C VAL A 88 10.88 -6.68 12.44
N LEU A 89 9.80 -6.28 11.77
CA LEU A 89 9.81 -5.01 11.06
C LEU A 89 10.01 -3.84 12.03
N LEU A 90 9.28 -3.85 13.15
CA LEU A 90 9.40 -2.78 14.14
C LEU A 90 10.80 -2.74 14.74
N LYS A 91 11.36 -3.91 15.05
CA LYS A 91 12.71 -3.96 15.59
C LYS A 91 13.74 -3.43 14.60
N HIS A 92 13.44 -3.51 13.30
CA HIS A 92 14.33 -3.02 12.25
C HIS A 92 13.99 -1.60 11.82
N GLY A 93 13.17 -0.89 12.58
CA GLY A 93 12.90 0.51 12.31
C GLY A 93 11.67 0.81 11.49
N ALA A 94 10.66 -0.05 11.55
CA ALA A 94 9.42 0.22 10.81
C ALA A 94 8.67 1.39 11.44
N ASP A 95 8.27 2.34 10.60
CA ASP A 95 7.50 3.49 11.08
C ASP A 95 6.11 3.01 11.49
N VAL A 96 5.86 2.97 12.80
CA VAL A 96 4.60 2.45 13.31
C VAL A 96 3.44 3.35 12.89
N ASN A 97 3.67 4.67 12.89
CA ASN A 97 2.63 5.64 12.55
C ASN A 97 2.67 6.05 11.08
N ALA A 98 3.26 5.23 10.22
CA ALA A 98 3.31 5.56 8.80
C ALA A 98 1.91 5.60 8.21
N GLN A 99 1.61 6.68 7.49
CA GLN A 99 0.29 6.90 6.92
C GLN A 99 0.35 6.73 5.41
N ASP A 100 -0.70 6.14 4.84
CA ASP A 100 -0.84 6.08 3.40
C ASP A 100 -1.38 7.43 2.90
N TRP A 101 -1.84 7.47 1.65
CA TRP A 101 -2.27 8.75 1.08
C TRP A 101 -3.45 9.33 1.85
N ILE A 102 -4.37 8.50 2.32
CA ILE A 102 -5.53 8.97 3.06
C ILE A 102 -5.36 8.78 4.57
N GLY A 103 -4.16 8.43 5.03
CA GLY A 103 -3.86 8.45 6.44
C GLY A 103 -4.19 7.19 7.20
N VAL A 104 -3.99 6.02 6.61
CA VAL A 104 -4.19 4.75 7.28
C VAL A 104 -2.85 4.28 7.82
N THR A 105 -2.72 4.22 9.14
CA THR A 105 -1.56 3.61 9.76
C THR A 105 -1.75 2.09 9.79
N PRO A 106 -0.65 1.34 9.93
CA PRO A 106 -0.82 -0.11 10.11
C PRO A 106 -1.67 -0.47 11.31
N PHE A 107 -1.67 0.37 12.35
CA PHE A 107 -2.53 0.14 13.50
C PHE A 107 -4.00 0.19 13.12
N ASP A 108 -4.37 1.14 12.25
CA ASP A 108 -5.76 1.21 11.78
C ASP A 108 -6.13 -0.05 11.02
N LEU A 109 -5.21 -0.54 10.19
CA LEU A 109 -5.47 -1.78 9.44
C LEU A 109 -5.64 -2.96 10.39
N ALA A 110 -4.79 -3.06 11.41
CA ALA A 110 -4.91 -4.14 12.38
C ALA A 110 -6.24 -4.06 13.13
N VAL A 111 -6.65 -2.85 13.51
CA VAL A 111 -7.92 -2.67 14.22
C VAL A 111 -9.09 -3.07 13.34
N ASP A 112 -9.07 -2.65 12.06
CA ASP A 112 -10.15 -3.01 11.15
C ASP A 112 -10.19 -4.51 10.91
N ASP A 113 -9.03 -5.14 10.76
CA ASP A 113 -8.97 -6.58 10.54
C ASP A 113 -9.11 -7.38 11.83
N GLY A 114 -9.11 -6.73 12.98
CA GLY A 114 -9.35 -7.41 14.24
C GLY A 114 -8.32 -8.46 14.59
N ASN A 115 -7.04 -8.17 14.39
CA ASN A 115 -5.98 -9.13 14.64
C ASN A 115 -5.44 -9.07 16.06
N GLU A 116 -6.03 -8.24 16.92
CA GLU A 116 -5.77 -8.24 18.36
C GLU A 116 -4.28 -8.12 18.70
N ASP A 117 -3.53 -9.21 18.52
CA ASP A 117 -2.13 -9.24 18.92
C ASP A 117 -1.34 -8.16 18.18
N ILE A 118 -1.57 -8.03 16.87
CA ILE A 118 -0.87 -7.01 16.09
C ILE A 118 -1.21 -5.63 16.61
N ALA A 119 -2.47 -5.42 17.00
CA ALA A 119 -2.88 -4.12 17.51
C ALA A 119 -2.16 -3.75 18.80
N GLU A 120 -2.02 -4.71 19.72
CA GLU A 120 -1.37 -4.40 21.00
C GLU A 120 0.14 -4.26 20.82
N VAL A 121 0.75 -5.07 19.96
CA VAL A 121 2.19 -4.92 19.70
C VAL A 121 2.49 -3.58 19.03
N LEU A 122 1.60 -3.13 18.14
CA LEU A 122 1.81 -1.84 17.48
C LEU A 122 1.81 -0.69 18.47
N GLN A 123 1.04 -0.81 19.56
CA GLN A 123 0.96 0.17 20.65
C GLN A 123 1.09 1.62 20.21
N GLU B 1 -10.13 -8.03 -0.60
CA GLU B 1 -11.31 -8.65 -0.02
C GLU B 1 -12.20 -7.59 0.62
N THR B 2 -11.63 -6.83 1.55
CA THR B 2 -12.30 -5.68 2.14
C THR B 2 -11.77 -4.35 1.60
N HIS B 3 -10.77 -4.40 0.72
CA HIS B 3 -10.15 -3.19 0.18
C HIS B 3 -10.18 -3.25 -1.34
N ILE B 4 -10.10 -2.08 -1.95
CA ILE B 4 -10.17 -1.92 -3.39
C ILE B 4 -9.12 -0.89 -3.80
N ASN B 5 -8.48 -1.13 -4.95
CA ASN B 5 -7.54 -0.20 -5.56
C ASN B 5 -8.26 0.69 -6.56
N LEU B 6 -8.01 1.99 -6.46
CA LEU B 6 -8.57 2.98 -7.37
C LEU B 6 -7.46 3.90 -7.83
N LYS B 7 -7.63 4.49 -9.02
CA LYS B 7 -6.70 5.47 -9.55
C LYS B 7 -7.45 6.78 -9.79
N VAL B 8 -6.91 7.87 -9.26
CA VAL B 8 -7.47 9.20 -9.45
C VAL B 8 -6.48 9.98 -10.31
N SER B 9 -6.94 10.46 -11.45
CA SER B 9 -6.11 11.14 -12.42
C SER B 9 -6.78 12.42 -12.89
N ASP B 10 -5.95 13.42 -13.21
CA ASP B 10 -6.41 14.67 -13.80
C ASP B 10 -5.81 14.90 -15.18
N GLY B 11 -5.29 13.85 -15.81
CA GLY B 11 -4.62 13.95 -17.08
C GLY B 11 -3.12 14.15 -16.99
N SER B 12 -2.62 14.62 -15.84
CA SER B 12 -1.18 14.75 -15.63
C SER B 12 -0.70 14.19 -14.30
N SER B 13 -1.56 14.07 -13.29
CA SER B 13 -1.19 13.52 -11.99
C SER B 13 -2.07 12.32 -11.69
N GLU B 14 -1.44 11.17 -11.42
CA GLU B 14 -2.15 9.92 -11.15
C GLU B 14 -1.77 9.40 -9.78
N ILE B 15 -2.77 9.04 -8.97
CA ILE B 15 -2.57 8.56 -7.61
C ILE B 15 -3.35 7.26 -7.43
N PHE B 16 -2.68 6.25 -6.88
CA PHE B 16 -3.31 4.96 -6.59
C PHE B 16 -3.64 4.92 -5.10
N PHE B 17 -4.91 4.68 -4.79
CA PHE B 17 -5.39 4.53 -3.42
C PHE B 17 -5.84 3.09 -3.21
N LYS B 18 -5.47 2.51 -2.06
CA LYS B 18 -6.00 1.22 -1.63
C LYS B 18 -6.84 1.49 -0.39
N ILE B 19 -8.17 1.49 -0.56
CA ILE B 19 -9.06 1.93 0.50
C ILE B 19 -10.20 0.95 0.66
N LYS B 20 -10.81 0.97 1.84
CA LYS B 20 -11.92 0.06 2.11
C LYS B 20 -13.09 0.33 1.17
N LYS B 21 -13.84 -0.72 0.86
CA LYS B 21 -15.07 -0.55 0.10
C LYS B 21 -16.07 0.31 0.86
N THR B 22 -15.99 0.32 2.18
CA THR B 22 -16.89 1.10 3.03
C THR B 22 -16.29 2.44 3.45
N THR B 23 -15.16 2.84 2.87
CA THR B 23 -14.77 4.16 3.35
C THR B 23 -15.28 5.25 2.41
N PRO B 24 -15.72 6.38 2.96
CA PRO B 24 -16.20 7.48 2.10
C PRO B 24 -15.09 8.00 1.22
N LEU B 25 -15.47 8.45 0.02
CA LEU B 25 -14.52 8.97 -0.95
C LEU B 25 -14.05 10.38 -0.62
N ARG B 26 -14.59 11.00 0.44
CA ARG B 26 -14.16 12.34 0.81
C ARG B 26 -12.66 12.39 1.09
N ARG B 27 -12.12 11.35 1.74
CA ARG B 27 -10.69 11.35 2.04
C ARG B 27 -9.84 11.20 0.78
N LEU B 28 -10.32 10.42 -0.19
CA LEU B 28 -9.57 10.25 -1.44
C LEU B 28 -9.50 11.55 -2.22
N MET B 29 -10.66 12.21 -2.42
CA MET B 29 -10.69 13.50 -3.08
C MET B 29 -9.88 14.52 -2.31
N GLU B 30 -9.95 14.48 -0.98
CA GLU B 30 -9.19 15.40 -0.14
C GLU B 30 -7.69 15.22 -0.36
N ALA B 31 -7.22 13.97 -0.38
CA ALA B 31 -5.80 13.72 -0.58
C ALA B 31 -5.35 14.20 -1.96
N PHE B 32 -6.15 13.91 -2.99
CA PHE B 32 -5.78 14.37 -4.33
C PHE B 32 -5.71 15.88 -4.39
N ALA B 33 -6.67 16.57 -3.74
CA ALA B 33 -6.66 18.03 -3.74
C ALA B 33 -5.47 18.57 -2.95
N LYS B 34 -5.16 17.98 -1.80
CA LYS B 34 -4.06 18.47 -0.97
C LYS B 34 -2.73 18.33 -1.69
N ARG B 35 -2.53 17.22 -2.39
CA ARG B 35 -1.25 17.02 -3.08
C ARG B 35 -1.01 18.08 -4.15
N GLN B 36 -2.07 18.67 -4.70
CA GLN B 36 -1.95 19.78 -5.63
C GLN B 36 -2.01 21.13 -4.95
N GLY B 37 -2.11 21.17 -3.62
CA GLY B 37 -2.23 22.43 -2.90
C GLY B 37 -3.55 23.15 -3.15
N LYS B 38 -4.64 22.39 -3.24
CA LYS B 38 -5.97 22.96 -3.46
C LYS B 38 -6.95 22.32 -2.48
N GLU B 39 -8.14 22.88 -2.42
CA GLU B 39 -9.23 22.30 -1.66
C GLU B 39 -10.07 21.40 -2.55
N MET B 40 -10.73 20.42 -1.93
CA MET B 40 -11.43 19.39 -2.70
C MET B 40 -12.58 19.97 -3.51
N ASP B 41 -13.30 20.93 -2.94
CA ASP B 41 -14.46 21.51 -3.62
C ASP B 41 -14.08 22.25 -4.89
N SER B 42 -12.80 22.59 -5.07
CA SER B 42 -12.33 23.21 -6.31
C SER B 42 -12.21 22.22 -7.46
N LEU B 43 -12.37 20.92 -7.19
CA LEU B 43 -12.17 19.88 -8.20
C LEU B 43 -13.44 19.07 -8.39
N ARG B 44 -13.74 18.76 -9.65
CA ARG B 44 -14.80 17.86 -10.03
C ARG B 44 -14.24 16.44 -10.09
N PHE B 45 -14.93 15.50 -9.45
CA PHE B 45 -14.52 14.10 -9.43
C PHE B 45 -15.61 13.28 -10.11
N LEU B 46 -15.23 12.53 -11.14
CA LEU B 46 -16.17 11.82 -12.00
C LEU B 46 -15.83 10.34 -12.04
N TYR B 47 -16.85 9.50 -11.84
CA TYR B 47 -16.76 8.07 -12.11
C TYR B 47 -17.78 7.71 -13.18
N ASP B 48 -17.32 7.03 -14.23
CA ASP B 48 -18.16 6.73 -15.39
C ASP B 48 -18.80 8.00 -15.93
N GLY B 49 -18.02 9.07 -15.97
CA GLY B 49 -18.41 10.40 -16.42
C GLY B 49 -19.51 11.03 -15.56
N ILE B 50 -19.73 10.50 -14.35
CA ILE B 50 -20.78 10.98 -13.46
C ILE B 50 -20.13 11.47 -12.18
N ARG B 51 -20.52 12.67 -11.74
CA ARG B 51 -19.90 13.29 -10.57
C ARG B 51 -20.19 12.48 -9.32
N ILE B 52 -19.28 12.56 -8.36
CA ILE B 52 -19.33 11.79 -7.13
C ILE B 52 -19.51 12.74 -5.96
N GLN B 53 -20.52 12.48 -5.13
CA GLN B 53 -20.63 13.15 -3.85
C GLN B 53 -19.59 12.59 -2.89
N ALA B 54 -19.11 13.44 -1.99
CA ALA B 54 -18.05 13.03 -1.07
C ALA B 54 -18.49 11.90 -0.15
N ASP B 55 -19.76 11.91 0.25
CA ASP B 55 -20.27 10.93 1.22
C ASP B 55 -20.30 9.52 0.66
N GLN B 56 -20.27 9.35 -0.66
CA GLN B 56 -20.37 8.02 -1.24
C GLN B 56 -19.08 7.22 -1.03
N THR B 57 -19.23 5.90 -1.03
CA THR B 57 -18.15 4.94 -0.85
C THR B 57 -18.04 4.06 -2.08
N PRO B 58 -16.89 3.41 -2.30
CA PRO B 58 -16.75 2.54 -3.48
C PRO B 58 -17.80 1.44 -3.56
N GLU B 59 -18.25 0.91 -2.42
CA GLU B 59 -19.33 -0.07 -2.45
C GLU B 59 -20.63 0.56 -2.93
N ASP B 60 -20.86 1.84 -2.61
CA ASP B 60 -22.06 2.53 -3.03
C ASP B 60 -22.11 2.78 -4.53
N LEU B 61 -20.99 2.65 -5.24
CA LEU B 61 -20.93 2.93 -6.67
C LEU B 61 -20.59 1.70 -7.49
N ASP B 62 -20.64 0.50 -6.91
CA ASP B 62 -20.39 -0.75 -7.62
C ASP B 62 -19.03 -0.75 -8.30
N MET B 63 -18.04 -0.09 -7.69
CA MET B 63 -16.73 0.04 -8.29
C MET B 63 -15.95 -1.27 -8.22
N GLU B 64 -14.93 -1.37 -9.06
CA GLU B 64 -14.07 -2.53 -9.12
C GLU B 64 -12.61 -2.09 -9.02
N ASP B 65 -11.74 -3.05 -8.74
CA ASP B 65 -10.32 -2.77 -8.66
C ASP B 65 -9.81 -2.19 -9.97
N ASN B 66 -8.91 -1.20 -9.85
CA ASN B 66 -8.28 -0.48 -10.95
C ASN B 66 -9.22 0.50 -11.66
N ASP B 67 -10.40 0.76 -11.10
CA ASP B 67 -11.30 1.75 -11.68
C ASP B 67 -10.71 3.15 -11.55
N ILE B 68 -11.04 4.01 -12.50
CA ILE B 68 -10.47 5.35 -12.60
C ILE B 68 -11.50 6.37 -12.15
N ILE B 69 -11.05 7.36 -11.38
CA ILE B 69 -11.85 8.53 -11.02
C ILE B 69 -11.17 9.74 -11.64
N GLU B 70 -11.84 10.36 -12.62
CA GLU B 70 -11.28 11.52 -13.28
C GLU B 70 -11.43 12.76 -12.41
N ALA B 71 -10.43 13.64 -12.51
CA ALA B 71 -10.41 14.89 -11.74
C ALA B 71 -10.26 16.06 -12.70
N HIS B 72 -11.12 17.05 -12.54
CA HIS B 72 -11.11 18.27 -13.35
C HIS B 72 -11.23 19.47 -12.42
N ARG B 73 -11.14 20.67 -12.99
CA ARG B 73 -11.25 21.90 -12.23
C ARG B 73 -12.67 22.44 -12.32
N GLU B 74 -13.24 22.81 -11.18
CA GLU B 74 -14.54 23.48 -11.19
C GLU B 74 -14.44 24.78 -11.96
N GLN B 75 -15.48 25.09 -12.74
CA GLN B 75 -15.46 26.21 -13.67
C GLN B 75 -14.32 26.07 -14.67
N ILE B 76 -14.18 24.88 -15.22
CA ILE B 76 -13.15 24.62 -16.23
C ILE B 76 -13.53 25.32 -17.52
#